data_2YK2
#
_entry.id   2YK2
#
_cell.length_a   66.608
_cell.length_b   99.103
_cell.length_c   90.873
_cell.angle_alpha   90.00
_cell.angle_beta   90.00
_cell.angle_gamma   90.00
#
_symmetry.space_group_name_H-M   'I 2 2 2'
#
loop_
_entity.id
_entity.type
_entity.pdbx_description
1 polymer 'HEAT SHOCK PROTEIN HSP 90-ALPHA'
2 non-polymer 4-(5-METHYL-4-PHENYLISOXAZOL-3-YL)BENZENE-1,3-DIOL
3 non-polymer 1-(3H-imidazo[4,5-c]pyridin-2-yl)-3,4-dihydropyrido[2,1-a]isoindol-6(2H)-one
4 water water
#
_entity_poly.entity_id   1
_entity_poly.type   'polypeptide(L)'
_entity_poly.pdbx_seq_one_letter_code
;GHMETFAFQAEIAQLMSLIINTFYSNKEIFLRELISNSSDALDKIRYESLTDPSKLDSGKELHINLIPNKQDRTLTIVDT
GIGMTKADLINNLGTIAKSGTKAFMEALQAGADISMIGQFGVGFYSAYLVAEKVTVITKHNDDEQYAWESSAGGSFTVRT
DTGEPMGRGTKVILHLKEDQTEYLEERRIKEIVKKHSQFIGYPITLFVE
;
_entity_poly.pdbx_strand_id   A
#
loop_
_chem_comp.id
_chem_comp.type
_chem_comp.name
_chem_comp.formula
YJW non-polymer 4-(5-METHYL-4-PHENYLISOXAZOL-3-YL)BENZENE-1,3-DIOL 'C16 H13 N O3'
YJX non-polymer 1-(3H-imidazo[4,5-c]pyridin-2-yl)-3,4-dihydropyrido[2,1-a]isoindol-6(2H)-one 'C18 H14 N4 O'
#
# COMPACT_ATOMS: atom_id res chain seq x y z
N MET A 3 -8.42 5.35 -19.16
CA MET A 3 -7.71 5.91 -18.00
C MET A 3 -8.26 7.29 -17.63
N GLU A 4 -8.67 7.46 -16.36
CA GLU A 4 -9.15 8.74 -15.82
C GLU A 4 -8.04 9.33 -14.94
N THR A 5 -7.86 10.66 -15.02
CA THR A 5 -6.83 11.38 -14.26
C THR A 5 -7.48 12.31 -13.26
N PHE A 6 -6.97 12.29 -12.01
CA PHE A 6 -7.50 13.06 -10.89
C PHE A 6 -6.44 13.88 -10.23
N ALA A 7 -6.84 15.02 -9.71
CA ALA A 7 -5.92 15.89 -8.99
C ALA A 7 -6.02 15.59 -7.50
N PHE A 8 -4.85 15.42 -6.85
CA PHE A 8 -4.80 15.29 -5.40
C PHE A 8 -5.20 16.63 -4.80
N GLN A 9 -5.89 16.59 -3.67
CA GLN A 9 -6.20 17.80 -2.92
C GLN A 9 -4.90 18.32 -2.32
N ALA A 10 -4.86 19.60 -1.91
CA ALA A 10 -3.65 20.26 -1.43
C ALA A 10 -2.89 19.57 -0.29
N GLU A 11 -3.61 19.09 0.75
CA GLU A 11 -2.97 18.49 1.93
C GLU A 11 -2.15 17.24 1.55
N ILE A 12 -2.78 16.23 0.89
CA ILE A 12 -2.06 14.99 0.48
C ILE A 12 -0.94 15.32 -0.47
N ALA A 13 -1.19 16.23 -1.44
CA ALA A 13 -0.15 16.60 -2.41
C ALA A 13 1.09 17.13 -1.66
N GLN A 14 0.86 17.96 -0.63
CA GLN A 14 1.95 18.51 0.17
C GLN A 14 2.67 17.40 0.94
N LEU A 15 1.90 16.46 1.53
CA LEU A 15 2.51 15.34 2.25
C LEU A 15 3.37 14.47 1.32
N MET A 16 2.83 14.16 0.12
CA MET A 16 3.58 13.37 -0.88
C MET A 16 4.89 14.06 -1.23
N SER A 17 4.87 15.40 -1.43
CA SER A 17 6.09 16.15 -1.70
C SER A 17 7.07 16.07 -0.52
N LEU A 18 6.56 16.20 0.73
CA LEU A 18 7.39 16.11 1.94
C LEU A 18 8.09 14.74 1.99
N ILE A 19 7.32 13.66 1.78
CA ILE A 19 7.83 12.28 1.84
C ILE A 19 8.92 12.04 0.76
N ILE A 20 8.70 12.57 -0.44
CA ILE A 20 9.66 12.49 -1.56
C ILE A 20 10.92 13.34 -1.33
N ASN A 21 10.75 14.59 -0.89
CA ASN A 21 11.85 15.54 -0.71
C ASN A 21 12.73 15.40 0.53
N THR A 22 12.11 15.40 1.74
CA THR A 22 12.80 15.39 3.03
C THR A 22 13.86 14.28 3.20
N PHE A 23 15.00 14.62 3.84
CA PHE A 23 16.08 13.67 4.08
C PHE A 23 15.70 12.83 5.32
N TYR A 24 15.61 11.49 5.13
CA TYR A 24 15.22 10.56 6.19
C TYR A 24 15.83 9.20 5.90
N SER A 25 16.77 8.76 6.75
CA SER A 25 17.48 7.51 6.50
C SER A 25 16.71 6.21 6.77
N ASN A 26 15.75 6.23 7.71
CA ASN A 26 14.98 5.06 8.16
C ASN A 26 13.81 4.68 7.19
N LYS A 27 14.12 4.57 5.89
CA LYS A 27 13.12 4.29 4.86
C LYS A 27 12.46 2.92 4.95
N GLU A 28 13.12 1.94 5.60
CA GLU A 28 12.59 0.57 5.69
C GLU A 28 11.19 0.45 6.27
N ILE A 29 10.75 1.48 7.01
CA ILE A 29 9.41 1.47 7.61
C ILE A 29 8.28 1.37 6.58
N PHE A 30 8.55 1.71 5.29
CA PHE A 30 7.51 1.57 4.27
C PHE A 30 6.91 0.15 4.24
N LEU A 31 7.77 -0.88 4.40
CA LEU A 31 7.32 -2.27 4.28
C LEU A 31 6.37 -2.63 5.41
N ARG A 32 6.70 -2.21 6.65
CA ARG A 32 5.84 -2.43 7.80
C ARG A 32 4.48 -1.79 7.52
N GLU A 33 4.45 -0.54 6.97
CA GLU A 33 3.19 0.18 6.74
C GLU A 33 2.31 -0.48 5.70
N LEU A 34 2.92 -0.97 4.61
CA LEU A 34 2.18 -1.66 3.56
C LEU A 34 1.67 -3.03 4.03
N ILE A 35 2.48 -3.76 4.81
CA ILE A 35 2.04 -5.04 5.38
C ILE A 35 0.88 -4.81 6.39
N SER A 36 0.94 -3.69 7.16
CA SER A 36 -0.11 -3.30 8.11
C SER A 36 -1.42 -3.04 7.34
N ASN A 37 -1.35 -2.34 6.19
CA ASN A 37 -2.57 -2.11 5.40
C ASN A 37 -3.11 -3.45 4.90
N SER A 38 -2.23 -4.32 4.40
CA SER A 38 -2.61 -5.66 3.90
C SER A 38 -3.29 -6.43 5.05
N SER A 39 -2.66 -6.41 6.24
CA SER A 39 -3.22 -7.07 7.42
C SER A 39 -4.61 -6.54 7.77
N ASP A 40 -4.78 -5.22 7.75
CA ASP A 40 -6.08 -4.59 8.05
C ASP A 40 -7.14 -5.01 7.03
N ALA A 41 -6.74 -5.08 5.73
CA ALA A 41 -7.66 -5.50 4.67
C ALA A 41 -8.09 -6.97 4.82
N LEU A 42 -7.16 -7.81 5.27
CA LEU A 42 -7.38 -9.24 5.51
C LEU A 42 -8.31 -9.41 6.70
N ASP A 43 -8.06 -8.63 7.78
CA ASP A 43 -8.96 -8.65 8.96
C ASP A 43 -10.38 -8.32 8.51
N LYS A 44 -10.54 -7.32 7.63
CA LYS A 44 -11.85 -6.88 7.17
C LYS A 44 -12.62 -7.96 6.44
N ILE A 45 -12.00 -8.64 5.46
CA ILE A 45 -12.70 -9.70 4.73
C ILE A 45 -12.97 -10.91 5.66
N ARG A 46 -12.00 -11.23 6.53
CA ARG A 46 -12.18 -12.32 7.47
C ARG A 46 -13.38 -12.06 8.39
N TYR A 47 -13.47 -10.84 8.97
CA TYR A 47 -14.59 -10.50 9.86
C TYR A 47 -15.93 -10.54 9.14
N GLU A 48 -16.01 -9.96 7.93
CA GLU A 48 -17.25 -10.01 7.13
C GLU A 48 -17.69 -11.44 6.77
N SER A 49 -16.70 -12.33 6.49
CA SER A 49 -16.95 -13.75 6.14
C SER A 49 -17.59 -14.55 7.30
N LEU A 50 -17.45 -14.05 8.54
CA LEU A 50 -18.02 -14.67 9.74
C LEU A 50 -19.56 -14.55 9.65
N THR A 51 -20.07 -13.43 9.12
CA THR A 51 -21.52 -13.25 8.94
C THR A 51 -21.97 -13.84 7.61
N ASP A 52 -21.17 -13.61 6.54
CA ASP A 52 -21.47 -14.07 5.20
C ASP A 52 -20.29 -14.89 4.62
N PRO A 53 -20.30 -16.24 4.79
CA PRO A 53 -19.19 -17.07 4.26
C PRO A 53 -18.97 -17.00 2.75
N SER A 54 -20.04 -16.68 1.96
CA SER A 54 -19.95 -16.54 0.50
C SER A 54 -19.02 -15.38 0.09
N LYS A 55 -18.66 -14.50 1.06
CA LYS A 55 -17.70 -13.42 0.79
C LYS A 55 -16.31 -13.98 0.45
N LEU A 56 -16.06 -15.27 0.81
CA LEU A 56 -14.80 -15.94 0.48
C LEU A 56 -14.89 -16.81 -0.79
N ASP A 57 -16.02 -16.73 -1.54
CA ASP A 57 -16.15 -17.48 -2.82
C ASP A 57 -15.08 -17.01 -3.82
N SER A 58 -14.65 -15.73 -3.71
CA SER A 58 -13.58 -15.13 -4.52
C SER A 58 -12.16 -15.57 -4.05
N GLY A 59 -12.10 -16.45 -3.05
CA GLY A 59 -10.85 -17.01 -2.55
C GLY A 59 -10.79 -17.16 -1.04
N LYS A 60 -10.57 -18.40 -0.55
CA LYS A 60 -10.49 -18.66 0.89
C LYS A 60 -9.14 -18.32 1.53
N GLU A 61 -8.06 -18.33 0.74
CA GLU A 61 -6.72 -18.07 1.26
C GLU A 61 -6.57 -16.64 1.72
N LEU A 62 -6.06 -16.46 2.96
CA LEU A 62 -5.83 -15.13 3.55
C LEU A 62 -4.35 -15.01 3.79
N HIS A 63 -3.65 -14.32 2.88
CA HIS A 63 -2.18 -14.29 2.97
C HIS A 63 -1.59 -13.03 2.39
N ILE A 64 -0.28 -12.86 2.58
CA ILE A 64 0.49 -11.73 2.05
C ILE A 64 1.74 -12.31 1.35
N ASN A 65 2.00 -11.89 0.09
CA ASN A 65 3.18 -12.32 -0.68
C ASN A 65 4.03 -11.11 -1.00
N LEU A 66 5.35 -11.22 -0.82
CA LEU A 66 6.34 -10.16 -1.12
C LEU A 66 7.16 -10.66 -2.31
N ILE A 67 7.10 -9.91 -3.42
CA ILE A 67 7.68 -10.38 -4.67
C ILE A 67 8.66 -9.37 -5.24
N PRO A 68 9.97 -9.61 -5.04
CA PRO A 68 10.97 -8.70 -5.61
C PRO A 68 11.25 -9.08 -7.07
N ASN A 69 11.53 -8.07 -7.89
CA ASN A 69 11.88 -8.30 -9.29
C ASN A 69 13.01 -7.33 -9.67
N LYS A 70 14.27 -7.82 -9.61
CA LYS A 70 15.47 -7.02 -9.88
C LYS A 70 15.52 -6.47 -11.32
N GLN A 71 15.09 -7.28 -12.30
CA GLN A 71 15.05 -6.88 -13.72
C GLN A 71 14.15 -5.65 -13.93
N ASP A 72 12.95 -5.66 -13.34
CA ASP A 72 11.97 -4.55 -13.44
C ASP A 72 12.16 -3.46 -12.40
N ARG A 73 13.01 -3.72 -11.37
CA ARG A 73 13.27 -2.86 -10.22
C ARG A 73 11.95 -2.54 -9.50
N THR A 74 11.19 -3.60 -9.20
CA THR A 74 9.90 -3.49 -8.52
C THR A 74 9.80 -4.42 -7.32
N LEU A 75 9.16 -3.95 -6.28
CA LEU A 75 8.83 -4.81 -5.14
C LEU A 75 7.31 -4.81 -5.12
N THR A 76 6.72 -5.99 -5.23
CA THR A 76 5.27 -6.13 -5.28
C THR A 76 4.79 -6.78 -3.98
N ILE A 77 3.74 -6.23 -3.40
CA ILE A 77 3.11 -6.79 -2.17
C ILE A 77 1.69 -7.20 -2.57
N VAL A 78 1.37 -8.49 -2.44
CA VAL A 78 0.07 -9.02 -2.81
C VAL A 78 -0.64 -9.52 -1.58
N ASP A 79 -1.90 -9.10 -1.38
CA ASP A 79 -2.72 -9.66 -0.32
C ASP A 79 -4.06 -10.09 -0.88
N THR A 80 -4.73 -10.99 -0.16
CA THR A 80 -6.06 -11.44 -0.55
C THR A 80 -7.08 -10.82 0.41
N GLY A 81 -6.85 -9.56 0.77
CA GLY A 81 -7.76 -8.83 1.65
C GLY A 81 -9.07 -8.42 0.96
N ILE A 82 -9.83 -7.57 1.65
CA ILE A 82 -11.14 -7.13 1.16
C ILE A 82 -11.10 -6.40 -0.20
N GLY A 83 -10.00 -5.73 -0.47
CA GLY A 83 -9.85 -4.97 -1.71
C GLY A 83 -10.59 -3.64 -1.63
N MET A 84 -10.42 -2.82 -2.66
CA MET A 84 -11.00 -1.49 -2.73
C MET A 84 -11.87 -1.32 -3.98
N THR A 85 -13.05 -0.71 -3.81
CA THR A 85 -13.95 -0.44 -4.94
C THR A 85 -13.46 0.84 -5.65
N LYS A 86 -14.07 1.19 -6.80
CA LYS A 86 -13.75 2.46 -7.47
C LYS A 86 -14.02 3.64 -6.53
N ALA A 87 -15.18 3.60 -5.82
CA ALA A 87 -15.59 4.62 -4.85
C ALA A 87 -14.53 4.76 -3.74
N ASP A 88 -13.99 3.63 -3.25
CA ASP A 88 -12.93 3.67 -2.25
C ASP A 88 -11.70 4.38 -2.79
N LEU A 89 -11.21 3.96 -3.97
CA LEU A 89 -10.01 4.52 -4.59
C LEU A 89 -10.08 6.00 -4.84
N ILE A 90 -11.23 6.49 -5.33
CA ILE A 90 -11.36 7.91 -5.71
C ILE A 90 -11.87 8.79 -4.60
N ASN A 91 -12.98 8.39 -4.00
CA ASN A 91 -13.70 9.21 -3.04
C ASN A 91 -13.39 8.97 -1.57
N ASN A 92 -13.72 7.77 -1.08
CA ASN A 92 -13.58 7.46 0.33
C ASN A 92 -12.18 7.65 0.86
N LEU A 93 -11.19 7.06 0.16
CA LEU A 93 -9.80 7.17 0.59
C LEU A 93 -9.25 8.57 0.41
N GLY A 94 -9.88 9.38 -0.46
CA GLY A 94 -9.49 10.78 -0.63
C GLY A 94 -9.83 11.57 0.62
N THR A 95 -11.01 11.27 1.20
CA THR A 95 -11.47 11.90 2.46
C THR A 95 -10.51 11.50 3.60
N ILE A 96 -10.17 10.20 3.69
CA ILE A 96 -9.23 9.67 4.68
C ILE A 96 -7.85 10.31 4.50
N ALA A 97 -7.35 10.39 3.23
CA ALA A 97 -6.04 11.03 2.95
C ALA A 97 -6.01 12.46 3.50
N LYS A 98 -7.11 13.22 3.34
CA LYS A 98 -7.14 14.62 3.82
C LYS A 98 -7.10 14.69 5.36
N SER A 99 -8.00 13.99 6.03
CA SER A 99 -8.02 14.09 7.50
C SER A 99 -6.77 13.49 8.12
N GLY A 100 -6.28 12.38 7.56
CA GLY A 100 -5.07 11.72 8.06
C GLY A 100 -3.83 12.58 7.87
N THR A 101 -3.70 13.22 6.70
CA THR A 101 -2.58 14.13 6.44
C THR A 101 -2.60 15.31 7.42
N LYS A 102 -3.77 15.95 7.59
CA LYS A 102 -3.91 17.10 8.49
C LYS A 102 -3.45 16.73 9.91
N ALA A 103 -3.94 15.58 10.42
CA ALA A 103 -3.58 15.09 11.74
C ALA A 103 -2.08 14.81 11.85
N PHE A 104 -1.51 14.16 10.82
CA PHE A 104 -0.10 13.81 10.78
C PHE A 104 0.80 15.04 10.80
N MET A 105 0.46 16.04 9.94
CA MET A 105 1.20 17.31 9.84
C MET A 105 1.16 18.07 11.16
N GLU A 106 -0.01 18.10 11.83
CA GLU A 106 -0.17 18.73 13.15
C GLU A 106 0.68 18.01 14.18
N ALA A 107 0.70 16.67 14.16
CA ALA A 107 1.49 15.88 15.10
C ALA A 107 2.99 16.09 14.89
N LEU A 108 3.44 16.16 13.61
CA LEU A 108 4.85 16.39 13.21
C LEU A 108 5.34 17.74 13.72
N GLN A 109 4.51 18.80 13.55
CA GLN A 109 4.80 20.18 13.97
C GLN A 109 5.09 20.26 15.47
N ALA A 110 4.39 19.42 16.26
CA ALA A 110 4.58 19.31 17.71
C ALA A 110 5.94 18.67 18.01
N GLY A 111 6.38 17.74 17.15
CA GLY A 111 7.66 17.05 17.27
C GLY A 111 7.67 15.57 16.91
N ALA A 112 6.50 15.01 16.46
CA ALA A 112 6.38 13.58 16.08
C ALA A 112 7.27 13.25 14.92
N ASP A 113 7.62 11.97 14.79
CA ASP A 113 8.50 11.47 13.76
C ASP A 113 7.70 10.88 12.59
N ILE A 114 8.31 10.88 11.39
CA ILE A 114 7.75 10.29 10.17
C ILE A 114 7.37 8.81 10.42
N SER A 115 8.14 8.09 11.29
CA SER A 115 7.88 6.67 11.60
C SER A 115 6.49 6.41 12.21
N MET A 116 5.82 7.46 12.73
CA MET A 116 4.51 7.38 13.36
C MET A 116 3.33 7.52 12.36
N ILE A 117 3.64 7.67 11.04
CA ILE A 117 2.69 7.84 9.94
C ILE A 117 1.43 6.95 9.99
N GLY A 118 1.62 5.66 10.26
CA GLY A 118 0.55 4.67 10.35
C GLY A 118 -0.49 4.96 11.43
N GLN A 119 -0.09 5.69 12.48
CA GLN A 119 -1.04 6.08 13.53
C GLN A 119 -2.08 7.06 13.01
N PHE A 120 -1.78 7.67 11.85
CA PHE A 120 -2.66 8.64 11.19
C PHE A 120 -3.44 8.04 10.00
N GLY A 121 -3.30 6.74 9.79
CA GLY A 121 -4.04 6.04 8.73
C GLY A 121 -3.53 6.24 7.31
N VAL A 122 -2.43 7.01 7.16
CA VAL A 122 -1.84 7.32 5.84
C VAL A 122 -0.46 6.68 5.61
N GLY A 123 -0.22 5.57 6.31
CA GLY A 123 1.02 4.80 6.19
C GLY A 123 1.31 4.36 4.77
N PHE A 124 0.25 4.14 3.96
CA PHE A 124 0.42 3.77 2.54
C PHE A 124 1.42 4.73 1.85
N TYR A 125 1.32 6.03 2.14
CA TYR A 125 2.15 7.07 1.54
C TYR A 125 3.64 6.99 1.84
N SER A 126 4.01 6.23 2.89
CA SER A 126 5.42 5.97 3.19
C SER A 126 6.09 5.21 2.01
N ALA A 127 5.28 4.60 1.11
CA ALA A 127 5.79 3.92 -0.09
C ALA A 127 6.66 4.89 -0.91
N TYR A 128 6.35 6.21 -0.89
CA TYR A 128 7.11 7.23 -1.62
C TYR A 128 8.49 7.52 -1.05
N LEU A 129 8.81 6.92 0.11
CA LEU A 129 10.17 7.02 0.67
C LEU A 129 11.10 6.22 -0.26
N VAL A 130 10.57 5.13 -0.87
CA VAL A 130 11.41 4.25 -1.68
C VAL A 130 11.01 4.12 -3.15
N ALA A 131 9.76 4.50 -3.50
CA ALA A 131 9.20 4.34 -4.84
C ALA A 131 9.02 5.64 -5.57
N GLU A 132 9.37 5.66 -6.85
CA GLU A 132 9.14 6.83 -7.72
C GLU A 132 7.70 6.78 -8.25
N LYS A 133 7.12 5.57 -8.30
CA LYS A 133 5.77 5.32 -8.79
C LYS A 133 5.16 4.17 -8.03
N VAL A 134 3.88 4.29 -7.69
CA VAL A 134 3.17 3.22 -6.98
C VAL A 134 1.93 2.86 -7.78
N THR A 135 1.75 1.56 -8.05
CA THR A 135 0.58 1.06 -8.77
C THR A 135 -0.17 0.17 -7.81
N VAL A 136 -1.47 0.41 -7.68
CA VAL A 136 -2.33 -0.37 -6.79
C VAL A 136 -3.36 -1.07 -7.65
N ILE A 137 -3.28 -2.41 -7.76
CA ILE A 137 -4.26 -3.21 -8.54
C ILE A 137 -5.13 -3.85 -7.46
N THR A 138 -6.43 -3.62 -7.52
CA THR A 138 -7.31 -4.09 -6.46
C THR A 138 -8.64 -4.62 -6.98
N LYS A 139 -9.17 -5.59 -6.26
CA LYS A 139 -10.45 -6.22 -6.58
C LYS A 139 -11.26 -6.45 -5.31
N HIS A 140 -12.38 -5.74 -5.21
CA HIS A 140 -13.34 -5.89 -4.11
C HIS A 140 -14.48 -6.75 -4.66
N ASN A 141 -15.10 -7.58 -3.81
CA ASN A 141 -16.23 -8.43 -4.21
C ASN A 141 -17.37 -7.70 -4.94
N ASP A 142 -17.61 -6.43 -4.57
CA ASP A 142 -18.71 -5.62 -5.09
C ASP A 142 -18.37 -4.76 -6.32
N ASP A 143 -17.15 -4.92 -6.86
CA ASP A 143 -16.73 -4.10 -7.99
C ASP A 143 -15.76 -4.83 -8.93
N GLU A 144 -15.37 -4.17 -10.02
CA GLU A 144 -14.43 -4.70 -11.00
C GLU A 144 -13.00 -4.53 -10.50
N GLN A 145 -12.04 -5.11 -11.22
CA GLN A 145 -10.61 -4.95 -10.91
C GLN A 145 -10.15 -3.58 -11.43
N TYR A 146 -9.51 -2.78 -10.55
CA TYR A 146 -9.03 -1.44 -10.93
C TYR A 146 -7.55 -1.27 -10.70
N ALA A 147 -6.94 -0.33 -11.43
CA ALA A 147 -5.54 0.04 -11.26
C ALA A 147 -5.52 1.52 -10.89
N TRP A 148 -5.06 1.83 -9.67
CA TRP A 148 -4.83 3.21 -9.17
C TRP A 148 -3.32 3.40 -9.32
N GLU A 149 -2.86 4.57 -9.78
CA GLU A 149 -1.42 4.77 -9.93
C GLU A 149 -1.07 6.22 -9.76
N SER A 150 0.10 6.48 -9.19
CA SER A 150 0.61 7.85 -9.04
C SER A 150 2.12 7.87 -8.93
N SER A 151 2.74 8.86 -9.61
CA SER A 151 4.17 9.13 -9.50
C SER A 151 4.30 10.47 -8.75
N ALA A 152 3.27 10.80 -7.93
CA ALA A 152 3.15 12.08 -7.23
C ALA A 152 3.08 13.18 -8.33
N GLY A 153 3.62 14.36 -8.09
CA GLY A 153 3.48 15.39 -9.11
C GLY A 153 2.05 15.95 -9.21
N GLY A 154 1.24 15.67 -8.18
CA GLY A 154 -0.10 16.24 -8.02
C GLY A 154 -1.29 15.52 -8.61
N SER A 155 -1.07 14.36 -9.29
CA SER A 155 -2.19 13.64 -9.90
C SER A 155 -2.09 12.13 -9.70
N PHE A 156 -3.21 11.44 -9.91
CA PHE A 156 -3.24 9.98 -9.91
C PHE A 156 -4.20 9.56 -10.98
N THR A 157 -4.08 8.31 -11.42
CA THR A 157 -4.98 7.78 -12.45
C THR A 157 -5.70 6.56 -11.89
N VAL A 158 -6.89 6.30 -12.42
CA VAL A 158 -7.67 5.09 -12.09
C VAL A 158 -8.16 4.57 -13.46
N ARG A 159 -8.03 3.27 -13.68
CA ARG A 159 -8.55 2.62 -14.89
C ARG A 159 -9.01 1.22 -14.52
N THR A 160 -9.96 0.65 -15.31
CA THR A 160 -10.33 -0.75 -15.11
C THR A 160 -9.08 -1.54 -15.55
N ASP A 161 -8.70 -2.55 -14.77
CA ASP A 161 -7.48 -3.29 -15.06
C ASP A 161 -7.76 -4.53 -15.91
N THR A 162 -6.95 -4.72 -16.96
CA THR A 162 -7.08 -5.85 -17.90
C THR A 162 -6.05 -6.97 -17.66
N GLY A 163 -5.16 -6.76 -16.69
CA GLY A 163 -4.14 -7.73 -16.32
C GLY A 163 -4.71 -9.00 -15.74
N GLU A 164 -3.83 -9.85 -15.20
CA GLU A 164 -4.24 -11.13 -14.62
C GLU A 164 -5.33 -10.93 -13.51
N PRO A 165 -6.49 -11.61 -13.63
CA PRO A 165 -7.54 -11.47 -12.60
C PRO A 165 -7.04 -11.96 -11.24
N MET A 166 -7.28 -11.15 -10.20
CA MET A 166 -6.83 -11.44 -8.85
C MET A 166 -7.78 -12.21 -7.95
N GLY A 167 -9.05 -12.32 -8.34
CA GLY A 167 -10.05 -13.00 -7.51
C GLY A 167 -10.59 -12.04 -6.46
N ARG A 168 -9.71 -11.56 -5.56
CA ARG A 168 -10.03 -10.57 -4.51
C ARG A 168 -8.73 -10.17 -3.83
N GLY A 169 -8.59 -8.88 -3.54
CA GLY A 169 -7.43 -8.41 -2.82
C GLY A 169 -6.76 -7.24 -3.49
N THR A 170 -5.51 -6.99 -3.08
CA THR A 170 -4.73 -5.85 -3.56
C THR A 170 -3.29 -6.24 -3.83
N LYS A 171 -2.76 -5.71 -4.94
CA LYS A 171 -1.39 -5.85 -5.36
C LYS A 171 -0.82 -4.43 -5.41
N VAL A 172 0.22 -4.16 -4.62
CA VAL A 172 0.87 -2.85 -4.64
C VAL A 172 2.22 -3.06 -5.30
N ILE A 173 2.46 -2.38 -6.42
CA ILE A 173 3.71 -2.51 -7.16
C ILE A 173 4.52 -1.25 -6.89
N LEU A 174 5.66 -1.42 -6.25
CA LEU A 174 6.53 -0.31 -5.93
C LEU A 174 7.61 -0.23 -7.00
N HIS A 175 7.59 0.84 -7.80
CA HIS A 175 8.60 1.05 -8.86
C HIS A 175 9.72 1.81 -8.13
N LEU A 176 10.75 1.09 -7.69
CA LEU A 176 11.77 1.66 -6.83
C LEU A 176 12.63 2.76 -7.41
N LYS A 177 13.00 3.70 -6.55
CA LYS A 177 13.97 4.75 -6.88
C LYS A 177 15.30 4.03 -7.13
N GLU A 178 16.13 4.58 -8.03
CA GLU A 178 17.40 3.95 -8.40
C GLU A 178 18.35 3.60 -7.26
N ASP A 179 18.34 4.41 -6.18
CA ASP A 179 19.22 4.19 -5.03
C ASP A 179 18.54 3.38 -3.91
N GLN A 180 17.40 2.74 -4.20
CA GLN A 180 16.65 1.99 -3.18
C GLN A 180 16.52 0.50 -3.53
N THR A 181 17.47 -0.04 -4.33
CA THR A 181 17.44 -1.43 -4.79
C THR A 181 17.74 -2.44 -3.69
N GLU A 182 18.20 -1.97 -2.51
CA GLU A 182 18.46 -2.89 -1.39
C GLU A 182 17.16 -3.63 -1.03
N TYR A 183 15.99 -3.00 -1.29
CA TYR A 183 14.68 -3.57 -0.99
C TYR A 183 14.23 -4.72 -1.90
N LEU A 184 15.10 -5.10 -2.87
CA LEU A 184 14.90 -6.25 -3.76
C LEU A 184 15.76 -7.43 -3.30
N GLU A 185 16.61 -7.23 -2.26
CA GLU A 185 17.51 -8.28 -1.76
C GLU A 185 16.81 -9.12 -0.72
N GLU A 186 16.88 -10.45 -0.89
CA GLU A 186 16.23 -11.40 0.00
C GLU A 186 16.62 -11.16 1.46
N ARG A 187 17.94 -11.04 1.75
CA ARG A 187 18.40 -10.83 3.12
C ARG A 187 17.82 -9.57 3.75
N ARG A 188 17.71 -8.50 2.95
CA ARG A 188 17.20 -7.21 3.42
C ARG A 188 15.72 -7.28 3.71
N ILE A 189 14.91 -7.85 2.79
CA ILE A 189 13.48 -7.97 3.04
C ILE A 189 13.22 -8.86 4.29
N LYS A 190 13.93 -10.00 4.39
CA LYS A 190 13.81 -10.92 5.53
C LYS A 190 14.11 -10.18 6.84
N GLU A 191 15.18 -9.37 6.86
CA GLU A 191 15.58 -8.55 8.03
C GLU A 191 14.44 -7.60 8.47
N ILE A 192 13.80 -6.91 7.50
CA ILE A 192 12.72 -5.95 7.78
C ILE A 192 11.45 -6.60 8.30
N VAL A 193 11.04 -7.70 7.67
CA VAL A 193 9.84 -8.42 8.08
C VAL A 193 10.03 -8.93 9.53
N LYS A 194 11.21 -9.48 9.84
CA LYS A 194 11.55 -10.01 11.15
C LYS A 194 11.51 -8.89 12.22
N LYS A 195 12.04 -7.72 11.87
CA LYS A 195 12.13 -6.58 12.78
C LYS A 195 10.76 -5.95 13.09
N HIS A 196 9.94 -5.70 12.04
CA HIS A 196 8.70 -4.96 12.17
C HIS A 196 7.38 -5.71 11.99
N SER A 197 7.39 -6.88 11.37
CA SER A 197 6.12 -7.54 11.02
C SER A 197 6.07 -9.03 11.39
N GLN A 198 6.90 -9.43 12.37
CA GLN A 198 7.01 -10.83 12.82
C GLN A 198 5.72 -11.42 13.37
N PHE A 199 4.85 -10.58 13.98
CA PHE A 199 3.59 -11.01 14.58
C PHE A 199 2.31 -10.77 13.78
N ILE A 200 2.43 -10.43 12.48
CA ILE A 200 1.25 -10.27 11.60
C ILE A 200 0.52 -11.63 11.56
N GLY A 201 -0.80 -11.58 11.71
CA GLY A 201 -1.66 -12.77 11.83
C GLY A 201 -2.02 -13.50 10.54
N TYR A 202 -1.17 -13.37 9.54
CA TYR A 202 -1.33 -13.98 8.22
C TYR A 202 0.00 -14.43 7.72
N PRO A 203 0.05 -15.53 6.94
CA PRO A 203 1.33 -15.98 6.42
C PRO A 203 1.93 -14.99 5.40
N ILE A 204 3.16 -14.56 5.67
CA ILE A 204 3.91 -13.65 4.80
C ILE A 204 4.93 -14.52 4.08
N THR A 205 4.76 -14.68 2.76
CA THR A 205 5.73 -15.47 2.00
C THR A 205 6.67 -14.56 1.23
N LEU A 206 7.98 -14.63 1.50
CA LEU A 206 8.94 -13.83 0.76
C LEU A 206 9.37 -14.67 -0.45
N PHE A 207 8.90 -14.28 -1.65
CA PHE A 207 9.27 -14.96 -2.90
C PHE A 207 10.73 -14.65 -3.20
N VAL A 208 11.40 -15.56 -3.89
CA VAL A 208 12.78 -15.30 -4.27
C VAL A 208 12.87 -15.36 -5.78
N GLU A 209 14.02 -14.98 -6.34
CA GLU A 209 14.24 -15.06 -7.78
C GLU A 209 15.30 -16.11 -8.11
N2 YJW B . -7.16 -3.02 0.57
C3 YJW B . -6.44 -2.12 1.21
C4 YJW B . -7.23 -1.42 2.20
C5 YJW B . -8.48 -1.97 2.08
C6 YJW B . -4.98 -1.97 0.98
C7 YJW B . -6.77 -0.41 3.19
C8 YJW B . -9.77 -1.74 2.76
C12 YJW B . -6.09 -0.81 4.34
C13 YJW B . -5.71 0.14 5.30
C14 YJW B . -5.98 1.49 5.09
C15 YJW B . -6.63 1.88 3.93
C16 YJW B . -7.02 0.95 2.98
C21 YJW B . -4.12 -3.09 0.99
C22 YJW B . -2.75 -2.93 0.88
C23 YJW B . -2.21 -1.65 0.75
C24 YJW B . -3.04 -0.54 0.69
C25 YJW B . -4.41 -0.70 0.83
O29 YJW B . -0.85 -1.48 0.73
O11 YJW B . -8.46 -2.93 1.12
O30 YJW B . -4.63 -4.35 1.10
C15 YJX C . -5.55 7.23 2.52
C19 YJX C . -5.06 6.25 3.38
C8 YJX C . -5.58 7.01 1.14
C14 YJX C . -4.61 5.03 2.89
C20 YJX C . -7.93 9.59 -3.68
C22 YJX C . -7.71 10.95 -3.50
C21 YJX C . -5.88 10.60 -2.16
C3 YJX C . -5.15 5.77 0.64
C7 YJX C . -4.66 4.80 1.52
C17 YJX C . -7.05 8.71 -3.03
C18 YJX C . -6.00 9.22 -2.25
C5 YJX C . -6.00 7.01 -2.25
C1 YJX C . -5.18 5.17 -0.69
C9 YJX C . -4.34 3.58 0.73
C2 YJX C . -5.59 5.63 -1.93
C6 YJX C . -5.62 4.73 -3.15
C13 YJX C . -4.55 3.65 -3.10
C10 YJX C . -4.50 2.97 -1.74
N23 YJX C . -6.71 11.46 -2.77
N11 YJX C . -7.02 7.32 -3.02
N12 YJX C . -5.34 8.09 -1.76
N4 YJX C . -4.67 3.88 -0.59
O16 YJX C . -3.91 2.50 1.12
#